data_3RRI
#
_entry.id   3RRI
#
_cell.length_a   104.728
_cell.length_b   104.728
_cell.length_c   49.770
_cell.angle_alpha   90.00
_cell.angle_beta   90.00
_cell.angle_gamma   90.00
#
_symmetry.space_group_name_H-M   'I 4'
#
loop_
_entity.id
_entity.type
_entity.pdbx_description
1 polymer 'Glyoxalase/bleomycin resistance protein/dioxygenase'
2 non-polymer 'ACETATE ION'
3 water water
#
_entity_poly.entity_id   1
_entity_poly.type   'polypeptide(L)'
_entity_poly.pdbx_seq_one_letter_code
;SNA(MSE)RNPNDVFHLAIPARDLDEAYDFYVTKLGCKLARRYPDRITLDFFGDQLVCHLSDRWDREVS(MSE)YPRHFG
ITFRDKKHFDNLYKLAKQRGIPFYHDLSRRFEGLIEEHETFFLIDPSNNLLEFKYYFDDR(MSE)(MSE)Y
;
_entity_poly.pdbx_strand_id   A,B
#
loop_
_chem_comp.id
_chem_comp.type
_chem_comp.name
_chem_comp.formula
ACT non-polymer 'ACETATE ION' 'C2 H3 O2 -1'
#
# COMPACT_ATOMS: atom_id res chain seq x y z
N MSE A 4 -15.57 -3.55 -8.52
CA MSE A 4 -14.25 -3.28 -9.14
C MSE A 4 -13.66 -1.94 -8.63
O MSE A 4 -14.38 -0.94 -8.47
CB MSE A 4 -14.42 -3.22 -10.66
CG MSE A 4 -14.73 -4.58 -11.33
SE MSE A 4 -14.80 -4.45 -13.29
CE MSE A 4 -16.14 -3.04 -13.51
N ARG A 5 -12.34 -1.91 -8.37
CA ARG A 5 -11.62 -0.66 -8.14
C ARG A 5 -11.37 0.04 -9.50
N ASN A 6 -11.16 1.36 -9.44
CA ASN A 6 -10.90 2.13 -10.66
C ASN A 6 -9.61 1.71 -11.34
N PRO A 7 -9.70 1.14 -12.55
CA PRO A 7 -8.48 0.75 -13.21
C PRO A 7 -7.58 1.86 -13.67
N ASN A 8 -8.09 3.10 -13.66
N ASN A 8 -8.07 3.11 -13.67
CA ASN A 8 -7.37 4.26 -14.13
CA ASN A 8 -7.28 4.26 -14.12
C ASN A 8 -6.50 4.94 -13.05
C ASN A 8 -6.41 4.87 -13.03
N ASP A 9 -6.78 4.65 -11.77
CA ASP A 9 -6.00 5.16 -10.64
C ASP A 9 -4.89 4.16 -10.31
N VAL A 10 -3.98 4.51 -9.41
CA VAL A 10 -3.05 3.53 -8.82
C VAL A 10 -2.98 3.77 -7.32
N PHE A 11 -2.88 2.70 -6.54
CA PHE A 11 -2.42 2.78 -5.17
C PHE A 11 -0.94 3.04 -5.18
N HIS A 12 -0.43 3.86 -4.24
CA HIS A 12 0.99 3.99 -4.17
C HIS A 12 1.42 3.82 -2.70
N LEU A 13 2.57 3.17 -2.56
CA LEU A 13 3.18 2.91 -1.28
C LEU A 13 4.65 3.29 -1.29
N ALA A 14 5.12 3.90 -0.19
CA ALA A 14 6.52 4.14 0.02
C ALA A 14 7.03 3.23 1.17
N ILE A 15 8.20 2.66 0.95
CA ILE A 15 8.84 1.79 1.93
C ILE A 15 10.33 2.13 1.91
N PRO A 16 11.03 1.80 3.02
CA PRO A 16 12.47 1.99 3.02
C PRO A 16 13.25 0.89 2.27
N ALA A 17 14.34 1.30 1.64
CA ALA A 17 15.32 0.40 1.03
C ALA A 17 16.68 0.81 1.54
N ARG A 18 17.42 -0.11 2.13
CA ARG A 18 18.78 0.20 2.59
C ARG A 18 19.77 0.43 1.46
N ASP A 19 19.46 -0.07 0.27
CA ASP A 19 20.34 0.01 -0.89
C ASP A 19 19.49 -0.11 -2.13
N LEU A 20 19.55 0.88 -3.03
CA LEU A 20 18.64 0.91 -4.15
C LEU A 20 18.92 -0.17 -5.21
N ASP A 21 20.20 -0.46 -5.49
CA ASP A 21 20.54 -1.54 -6.42
C ASP A 21 20.03 -2.88 -5.92
N GLU A 22 20.15 -3.10 -4.63
CA GLU A 22 19.70 -4.34 -4.01
C GLU A 22 18.17 -4.46 -4.10
N ALA A 23 17.48 -3.33 -3.95
CA ALA A 23 16.03 -3.28 -4.08
C ALA A 23 15.58 -3.57 -5.53
N TYR A 24 16.28 -2.98 -6.50
CA TYR A 24 16.11 -3.32 -7.91
C TYR A 24 16.22 -4.82 -8.18
N ASP A 25 17.29 -5.44 -7.66
N ASP A 25 17.29 -5.43 -7.64
CA ASP A 25 17.51 -6.88 -7.85
CA ASP A 25 17.54 -6.87 -7.81
C ASP A 25 16.34 -7.69 -7.30
C ASP A 25 16.36 -7.68 -7.30
N PHE A 26 15.79 -7.26 -6.18
CA PHE A 26 14.69 -7.97 -5.57
C PHE A 26 13.40 -7.76 -6.37
N TYR A 27 13.00 -6.50 -6.54
CA TYR A 27 11.69 -6.22 -7.09
C TYR A 27 11.58 -6.41 -8.60
N VAL A 28 12.62 -6.06 -9.33
CA VAL A 28 12.60 -6.14 -10.78
C VAL A 28 13.14 -7.50 -11.20
N THR A 29 14.41 -7.77 -10.94
CA THR A 29 15.02 -8.97 -11.49
C THR A 29 14.35 -10.24 -10.98
N LYS A 30 14.13 -10.35 -9.67
CA LYS A 30 13.51 -11.58 -9.15
C LYS A 30 12.00 -11.52 -9.17
N LEU A 31 11.39 -10.50 -8.58
CA LEU A 31 9.94 -10.52 -8.45
C LEU A 31 9.17 -10.25 -9.78
N GLY A 32 9.85 -9.63 -10.75
CA GLY A 32 9.28 -9.39 -12.05
C GLY A 32 8.50 -8.10 -12.18
N CYS A 33 8.63 -7.20 -11.22
CA CYS A 33 8.05 -5.85 -11.34
C CYS A 33 8.83 -5.08 -12.40
N LYS A 34 8.27 -3.98 -12.89
CA LYS A 34 8.89 -3.22 -13.92
C LYS A 34 9.47 -1.96 -13.31
N LEU A 35 10.64 -1.58 -13.77
CA LEU A 35 11.30 -0.38 -13.25
C LEU A 35 10.75 0.79 -14.04
N ALA A 36 10.29 1.82 -13.31
CA ALA A 36 9.79 3.06 -13.93
C ALA A 36 10.85 4.14 -13.86
N ARG A 37 11.00 4.77 -12.70
CA ARG A 37 11.91 5.92 -12.56
C ARG A 37 12.98 5.74 -11.48
N ARG A 38 14.16 6.29 -11.72
CA ARG A 38 15.25 6.23 -10.75
C ARG A 38 15.81 7.59 -10.41
N TYR A 39 16.06 7.81 -9.13
CA TYR A 39 16.71 9.02 -8.64
C TYR A 39 17.75 8.61 -7.61
N PRO A 40 18.63 9.54 -7.22
CA PRO A 40 19.64 9.18 -6.24
C PRO A 40 19.07 8.64 -4.92
N ASP A 41 17.88 9.09 -4.57
CA ASP A 41 17.29 8.76 -3.27
C ASP A 41 16.10 7.77 -3.32
N ARG A 42 15.73 7.34 -4.52
CA ARG A 42 14.59 6.42 -4.63
C ARG A 42 14.50 5.76 -5.99
N ILE A 43 13.84 4.59 -6.04
CA ILE A 43 13.41 3.99 -7.32
C ILE A 43 11.91 3.76 -7.27
N THR A 44 11.26 3.92 -8.41
CA THR A 44 9.82 3.73 -8.54
C THR A 44 9.51 2.55 -9.45
N LEU A 45 8.46 1.83 -9.08
CA LEU A 45 8.21 0.51 -9.66
C LEU A 45 6.74 0.39 -10.01
N ASP A 46 6.47 -0.30 -11.11
CA ASP A 46 5.14 -0.75 -11.44
C ASP A 46 5.07 -2.13 -10.76
N PHE A 47 4.37 -2.11 -9.63
CA PHE A 47 4.24 -3.26 -8.73
C PHE A 47 2.84 -3.83 -8.97
N PHE A 48 2.73 -4.80 -9.90
CA PHE A 48 1.45 -5.43 -10.24
C PHE A 48 0.37 -4.43 -10.67
N GLY A 49 0.83 -3.31 -11.22
CA GLY A 49 -0.07 -2.28 -11.74
C GLY A 49 -0.30 -1.12 -10.78
N ASP A 50 0.13 -1.27 -9.54
CA ASP A 50 0.15 -0.15 -8.56
C ASP A 50 1.58 0.39 -8.51
N GLN A 51 1.82 1.49 -7.77
CA GLN A 51 3.15 2.05 -7.69
C GLN A 51 3.80 1.75 -6.34
N LEU A 52 5.00 1.15 -6.37
CA LEU A 52 5.80 0.99 -5.16
C LEU A 52 7.04 1.88 -5.30
N VAL A 53 7.38 2.63 -4.25
CA VAL A 53 8.55 3.47 -4.27
C VAL A 53 9.41 3.04 -3.10
N CYS A 54 10.65 2.68 -3.43
CA CYS A 54 11.64 2.29 -2.46
C CYS A 54 12.54 3.50 -2.23
N HIS A 55 12.45 4.00 -1.01
CA HIS A 55 13.22 5.18 -0.59
C HIS A 55 14.53 4.80 0.13
N LEU A 56 15.66 5.33 -0.34
CA LEU A 56 16.96 5.06 0.27
C LEU A 56 16.92 5.56 1.71
N SER A 57 17.08 4.66 2.66
CA SER A 57 16.81 4.97 4.06
C SER A 57 17.48 3.97 5.02
N ASP A 58 17.88 4.50 6.18
CA ASP A 58 18.39 3.68 7.26
C ASP A 58 17.31 3.28 8.26
N ARG A 59 16.07 3.72 8.03
CA ARG A 59 14.97 3.45 8.95
C ARG A 59 14.13 2.24 8.51
N TRP A 60 14.82 1.15 8.18
CA TRP A 60 14.19 -0.15 7.90
C TRP A 60 14.28 -0.99 9.15
N ASP A 61 13.33 -1.90 9.33
CA ASP A 61 13.24 -2.72 10.55
C ASP A 61 14.33 -3.76 10.58
N ARG A 62 15.14 -3.75 11.63
CA ARG A 62 16.16 -4.78 11.81
C ARG A 62 15.57 -6.07 12.33
N GLU A 63 14.47 -5.97 13.08
CA GLU A 63 13.79 -7.13 13.65
C GLU A 63 12.41 -7.14 13.05
N VAL A 64 12.00 -8.27 12.50
CA VAL A 64 10.77 -8.31 11.73
C VAL A 64 9.71 -9.19 12.41
N SER A 65 8.49 -8.67 12.51
CA SER A 65 7.33 -9.48 12.87
C SER A 65 6.17 -9.17 11.91
N MSE A 66 5.26 -10.14 11.75
CA MSE A 66 4.19 -10.08 10.78
C MSE A 66 3.39 -8.79 10.87
O MSE A 66 3.08 -8.17 9.86
CB MSE A 66 3.24 -11.27 10.94
CG MSE A 66 2.10 -11.38 9.94
SE MSE A 66 1.25 -13.14 9.91
CE MSE A 66 2.72 -14.14 9.12
N TYR A 67 3.07 -8.38 12.09
CA TYR A 67 2.26 -7.18 12.33
C TYR A 67 3.13 -6.08 12.90
N PRO A 68 2.74 -4.80 12.69
CA PRO A 68 1.52 -4.29 12.12
C PRO A 68 1.66 -3.81 10.66
N ARG A 69 2.82 -4.05 10.05
CA ARG A 69 3.13 -3.57 8.69
C ARG A 69 3.49 -4.69 7.69
N HIS A 70 2.77 -4.67 6.58
CA HIS A 70 3.03 -5.50 5.41
C HIS A 70 2.14 -5.02 4.27
N PHE A 71 2.42 -5.44 3.05
CA PHE A 71 1.64 -5.02 1.89
C PHE A 71 1.66 -6.07 0.83
N GLY A 72 0.80 -5.95 -0.14
CA GLY A 72 0.86 -6.80 -1.30
C GLY A 72 -0.39 -6.73 -2.10
N ILE A 73 -0.67 -7.80 -2.83
CA ILE A 73 -1.80 -7.89 -3.74
C ILE A 73 -2.70 -9.02 -3.34
N THR A 74 -4.00 -8.82 -3.42
CA THR A 74 -5.01 -9.89 -3.30
C THR A 74 -5.55 -10.15 -4.67
N PHE A 75 -5.35 -11.38 -5.15
CA PHE A 75 -5.70 -11.72 -6.51
C PHE A 75 -7.09 -12.32 -6.60
N ARG A 76 -7.90 -11.85 -7.56
CA ARG A 76 -9.23 -12.42 -7.76
C ARG A 76 -9.11 -13.83 -8.36
N ASP A 77 -8.18 -13.99 -9.27
CA ASP A 77 -8.00 -15.24 -10.03
C ASP A 77 -6.93 -16.07 -9.35
N LYS A 78 -7.29 -17.24 -8.83
CA LYS A 78 -6.28 -18.06 -8.21
C LYS A 78 -5.06 -18.39 -9.08
N LYS A 79 -5.22 -18.44 -10.40
CA LYS A 79 -4.08 -18.69 -11.28
C LYS A 79 -2.98 -17.65 -11.11
N HIS A 80 -3.37 -16.40 -10.90
CA HIS A 80 -2.37 -15.36 -10.69
C HIS A 80 -1.62 -15.54 -9.37
N PHE A 81 -2.36 -15.92 -8.33
CA PHE A 81 -1.76 -16.23 -7.05
C PHE A 81 -0.77 -17.42 -7.17
N ASP A 82 -1.23 -18.50 -7.82
CA ASP A 82 -0.41 -19.72 -7.99
C ASP A 82 0.83 -19.44 -8.85
N ASN A 83 0.67 -18.69 -9.93
CA ASN A 83 1.82 -18.30 -10.74
C ASN A 83 2.87 -17.55 -9.96
N LEU A 84 2.44 -16.64 -9.09
CA LEU A 84 3.41 -15.85 -8.33
C LEU A 84 4.12 -16.69 -7.29
N TYR A 85 3.40 -17.58 -6.64
CA TYR A 85 4.07 -18.50 -5.72
C TYR A 85 5.14 -19.32 -6.41
N LYS A 86 4.80 -19.84 -7.59
CA LYS A 86 5.73 -20.68 -8.36
C LYS A 86 6.94 -19.84 -8.76
N LEU A 87 6.69 -18.58 -9.16
CA LEU A 87 7.77 -17.72 -9.52
C LEU A 87 8.75 -17.51 -8.36
N ALA A 88 8.20 -17.19 -7.19
CA ALA A 88 8.99 -16.94 -5.98
C ALA A 88 9.83 -18.16 -5.60
N LYS A 89 9.21 -19.32 -5.70
CA LYS A 89 9.91 -20.58 -5.39
C LYS A 89 11.02 -20.89 -6.39
N GLN A 90 10.69 -20.85 -7.67
N GLN A 90 10.71 -20.83 -7.69
CA GLN A 90 11.69 -21.16 -8.68
CA GLN A 90 11.69 -21.16 -8.73
C GLN A 90 12.86 -20.19 -8.65
C GLN A 90 12.84 -20.15 -8.85
N ARG A 91 12.58 -18.90 -8.50
CA ARG A 91 13.62 -17.88 -8.50
C ARG A 91 14.30 -17.65 -7.15
N GLY A 92 13.95 -18.43 -6.14
CA GLY A 92 14.66 -18.39 -4.88
C GLY A 92 14.42 -17.12 -4.05
N ILE A 93 13.21 -16.58 -4.12
CA ILE A 93 12.91 -15.34 -3.38
C ILE A 93 12.62 -15.72 -1.94
N PRO A 94 13.22 -15.00 -0.98
CA PRO A 94 13.02 -15.49 0.38
C PRO A 94 11.58 -15.37 0.84
N PHE A 95 11.06 -16.43 1.45
CA PHE A 95 9.79 -16.41 2.16
C PHE A 95 9.99 -16.08 3.65
N TYR A 96 9.15 -15.21 4.17
CA TYR A 96 8.97 -15.02 5.60
C TYR A 96 8.02 -16.08 6.15
N HIS A 97 6.97 -16.36 5.39
CA HIS A 97 5.99 -17.40 5.74
C HIS A 97 5.56 -18.12 4.47
N ASP A 98 5.70 -19.45 4.45
CA ASP A 98 5.34 -20.20 3.27
C ASP A 98 3.81 -20.29 3.16
N LEU A 99 3.35 -20.87 2.06
CA LEU A 99 1.94 -21.02 1.75
C LEU A 99 1.18 -21.56 2.93
N SER A 100 0.09 -20.85 3.28
CA SER A 100 -0.73 -21.14 4.44
C SER A 100 -2.15 -20.64 4.26
N ARG A 101 -3.01 -20.93 5.24
CA ARG A 101 -4.40 -20.47 5.29
C ARG A 101 -4.60 -19.60 6.51
N ARG A 102 -5.39 -18.55 6.35
CA ARG A 102 -5.74 -17.68 7.45
C ARG A 102 -7.28 -17.64 7.47
N PHE A 103 -7.84 -17.55 8.69
CA PHE A 103 -9.27 -17.78 8.95
C PHE A 103 -9.83 -19.08 8.36
N GLU A 104 -9.10 -20.17 8.55
CA GLU A 104 -9.50 -21.48 8.01
C GLU A 104 -10.95 -21.90 8.34
N GLY A 105 -11.68 -22.42 7.33
CA GLY A 105 -13.08 -22.85 7.50
C GLY A 105 -14.16 -21.76 7.56
N LEU A 106 -13.72 -20.52 7.76
CA LEU A 106 -14.61 -19.36 7.85
C LEU A 106 -14.87 -18.81 6.46
N ILE A 107 -15.95 -18.05 6.34
CA ILE A 107 -16.31 -17.52 5.03
C ILE A 107 -15.15 -16.69 4.45
N GLU A 108 -14.43 -15.97 5.31
CA GLU A 108 -13.33 -15.09 4.87
C GLU A 108 -11.95 -15.77 4.81
N GLU A 109 -11.95 -17.11 4.77
CA GLU A 109 -10.73 -17.87 4.56
C GLU A 109 -9.98 -17.42 3.33
N HIS A 110 -8.65 -17.31 3.46
CA HIS A 110 -7.82 -17.02 2.30
C HIS A 110 -6.47 -17.76 2.35
N GLU A 111 -5.94 -18.13 1.18
CA GLU A 111 -4.56 -18.60 1.07
C GLU A 111 -3.65 -17.42 1.12
N THR A 112 -2.47 -17.59 1.71
CA THR A 112 -1.54 -16.48 1.92
C THR A 112 -0.10 -17.00 1.86
N PHE A 113 0.82 -16.21 1.33
CA PHE A 113 2.25 -16.41 1.60
C PHE A 113 2.90 -15.05 1.76
N PHE A 114 3.98 -15.00 2.52
CA PHE A 114 4.72 -13.76 2.74
C PHE A 114 6.13 -13.89 2.20
N LEU A 115 6.54 -12.93 1.38
CA LEU A 115 7.93 -12.77 0.96
C LEU A 115 8.57 -11.69 1.83
N ILE A 116 9.89 -11.60 1.80
CA ILE A 116 10.61 -10.60 2.60
C ILE A 116 11.69 -9.99 1.76
N ASP A 117 11.67 -8.66 1.66
CA ASP A 117 12.65 -7.95 0.87
C ASP A 117 13.98 -7.73 1.66
N PRO A 118 15.02 -7.23 0.99
CA PRO A 118 16.33 -7.18 1.68
C PRO A 118 16.39 -6.21 2.86
N SER A 119 15.41 -5.31 2.96
CA SER A 119 15.33 -4.40 4.07
C SER A 119 14.22 -4.79 5.04
N ASN A 120 13.82 -6.07 5.00
CA ASN A 120 12.85 -6.66 5.92
C ASN A 120 11.43 -6.14 5.83
N ASN A 121 11.10 -5.51 4.70
CA ASN A 121 9.69 -5.27 4.37
C ASN A 121 8.98 -6.56 4.04
N LEU A 122 7.78 -6.72 4.57
CA LEU A 122 7.00 -7.95 4.38
C LEU A 122 5.93 -7.75 3.28
N LEU A 123 5.98 -8.61 2.27
CA LEU A 123 5.04 -8.66 1.17
C LEU A 123 4.11 -9.82 1.43
N GLU A 124 2.81 -9.55 1.49
CA GLU A 124 1.82 -10.62 1.61
C GLU A 124 0.96 -10.70 0.38
N PHE A 125 0.78 -11.89 -0.19
CA PHE A 125 -0.11 -12.12 -1.31
C PHE A 125 -1.20 -13.03 -0.86
N LYS A 126 -2.43 -12.76 -1.30
CA LYS A 126 -3.59 -13.45 -0.80
C LYS A 126 -4.53 -13.87 -1.93
N TYR A 127 -5.30 -14.92 -1.68
CA TYR A 127 -6.42 -15.30 -2.50
C TYR A 127 -7.58 -15.71 -1.60
N TYR A 128 -8.75 -15.06 -1.75
CA TYR A 128 -9.94 -15.35 -0.96
C TYR A 128 -10.84 -16.30 -1.72
N PHE A 129 -11.36 -17.30 -0.99
CA PHE A 129 -12.28 -18.28 -1.55
C PHE A 129 -13.64 -17.70 -1.92
N ASP A 130 -14.05 -16.66 -1.18
CA ASP A 130 -15.25 -15.85 -1.52
C ASP A 130 -14.73 -14.45 -1.83
N ASP A 131 -14.85 -14.06 -3.10
CA ASP A 131 -14.32 -12.74 -3.55
C ASP A 131 -14.90 -11.53 -2.89
N ARG A 132 -16.09 -11.61 -2.29
CA ARG A 132 -16.60 -10.52 -1.48
C ARG A 132 -15.75 -10.23 -0.25
N MSE A 133 -14.95 -11.20 0.19
CA MSE A 133 -14.17 -11.06 1.41
C MSE A 133 -12.81 -10.41 1.16
O MSE A 133 -12.00 -10.25 2.09
CB MSE A 133 -13.96 -12.43 2.05
CG MSE A 133 -15.24 -13.10 2.45
SE MSE A 133 -16.26 -12.10 3.82
CE MSE A 133 -17.74 -11.44 2.73
N MSE A 134 -12.58 -9.95 -0.07
CA MSE A 134 -11.32 -9.26 -0.41
C MSE A 134 -11.13 -7.91 0.30
O MSE A 134 -9.99 -7.40 0.37
CB MSE A 134 -11.19 -9.07 -1.92
CG MSE A 134 -11.09 -10.40 -2.69
SE MSE A 134 -11.27 -10.16 -4.62
CE MSE A 134 -9.48 -9.52 -4.97
N TYR A 135 -12.23 -7.34 0.80
CA TYR A 135 -12.15 -6.19 1.70
C TYR A 135 -12.35 -6.62 3.13
N MSE B 4 -2.51 1.77 -15.73
CA MSE B 4 -3.69 0.87 -15.64
C MSE B 4 -3.32 -0.41 -14.87
O MSE B 4 -2.15 -0.88 -14.83
CB MSE B 4 -4.27 0.55 -17.04
CG MSE B 4 -5.74 0.08 -17.05
SE MSE B 4 -6.89 1.21 -18.20
CE MSE B 4 -8.58 0.19 -18.26
N ARG B 5 -4.35 -0.96 -14.24
CA ARG B 5 -4.16 -2.08 -13.34
C ARG B 5 -5.42 -2.93 -13.44
N ASN B 6 -5.33 -4.18 -12.99
CA ASN B 6 -6.47 -5.08 -13.00
C ASN B 6 -7.55 -4.60 -12.01
N PRO B 7 -8.73 -4.24 -12.49
CA PRO B 7 -9.81 -3.77 -11.62
C PRO B 7 -10.41 -4.85 -10.72
N ASN B 8 -10.03 -6.11 -10.97
CA ASN B 8 -10.57 -7.22 -10.21
C ASN B 8 -9.75 -7.58 -8.99
N ASP B 9 -8.49 -7.19 -8.96
CA ASP B 9 -7.61 -7.36 -7.81
C ASP B 9 -7.76 -6.17 -6.84
N VAL B 10 -7.14 -6.30 -5.67
CA VAL B 10 -6.99 -5.17 -4.75
C VAL B 10 -5.57 -5.13 -4.19
N PHE B 11 -5.00 -3.93 -4.07
CA PHE B 11 -3.82 -3.69 -3.27
C PHE B 11 -4.25 -3.81 -1.83
N HIS B 12 -3.44 -4.45 -1.01
CA HIS B 12 -3.71 -4.45 0.41
C HIS B 12 -2.50 -3.96 1.23
N LEU B 13 -2.80 -3.14 2.25
CA LEU B 13 -1.80 -2.60 3.11
C LEU B 13 -2.25 -2.78 4.55
N ALA B 14 -1.28 -3.09 5.40
CA ALA B 14 -1.46 -3.16 6.83
C ALA B 14 -0.67 -2.07 7.49
N ILE B 15 -1.34 -1.38 8.43
CA ILE B 15 -0.74 -0.30 9.17
C ILE B 15 -1.19 -0.44 10.64
N PRO B 16 -0.39 0.14 11.56
CA PRO B 16 -0.76 0.17 12.97
C PRO B 16 -1.84 1.20 13.28
N ALA B 17 -2.71 0.85 14.21
CA ALA B 17 -3.64 1.78 14.83
C ALA B 17 -3.58 1.59 16.32
N ARG B 18 -3.40 2.69 17.05
CA ARG B 18 -3.32 2.61 18.51
C ARG B 18 -4.68 2.31 19.15
N ASP B 19 -5.76 2.63 18.44
CA ASP B 19 -7.14 2.50 18.94
C ASP B 19 -8.06 2.32 17.74
N LEU B 20 -8.80 1.22 17.68
CA LEU B 20 -9.59 0.91 16.50
C LEU B 20 -10.80 1.81 16.35
N ASP B 21 -11.44 2.21 17.44
CA ASP B 21 -12.55 3.18 17.34
C ASP B 21 -12.08 4.52 16.80
N GLU B 22 -10.91 4.94 17.24
CA GLU B 22 -10.32 6.19 16.76
C GLU B 22 -9.95 6.08 15.27
N ALA B 23 -9.50 4.91 14.83
CA ALA B 23 -9.20 4.66 13.42
C ALA B 23 -10.47 4.68 12.59
N TYR B 24 -11.53 4.08 13.09
CA TYR B 24 -12.83 4.12 12.44
C TYR B 24 -13.29 5.57 12.25
N ASP B 25 -13.19 6.39 13.28
N ASP B 25 -13.15 6.37 13.31
CA ASP B 25 -13.63 7.78 13.12
CA ASP B 25 -13.54 7.79 13.29
C ASP B 25 -12.84 8.51 12.01
C ASP B 25 -12.81 8.60 12.20
N PHE B 26 -11.55 8.28 11.94
CA PHE B 26 -10.74 8.93 10.93
C PHE B 26 -11.08 8.41 9.54
N TYR B 27 -10.97 7.09 9.34
CA TYR B 27 -11.07 6.50 8.00
C TYR B 27 -12.47 6.43 7.46
N VAL B 28 -13.45 6.14 8.32
CA VAL B 28 -14.83 5.98 7.91
C VAL B 28 -15.57 7.31 8.08
N THR B 29 -15.72 7.76 9.33
CA THR B 29 -16.56 8.93 9.59
C THR B 29 -16.04 10.18 8.86
N LYS B 30 -14.75 10.45 8.93
CA LYS B 30 -14.21 11.66 8.28
C LYS B 30 -13.81 11.43 6.82
N LEU B 31 -12.96 10.41 6.55
CA LEU B 31 -12.40 10.23 5.21
C LEU B 31 -13.38 9.66 4.21
N GLY B 32 -14.44 9.02 4.71
CA GLY B 32 -15.45 8.45 3.84
C GLY B 32 -15.17 7.06 3.28
N CYS B 33 -14.15 6.38 3.79
CA CYS B 33 -13.92 4.96 3.42
C CYS B 33 -15.04 4.13 4.02
N LYS B 34 -15.22 2.96 3.41
N LYS B 34 -15.28 2.98 3.40
CA LYS B 34 -16.26 2.04 3.81
CA LYS B 34 -16.35 2.09 3.82
C LYS B 34 -15.70 1.04 4.81
C LYS B 34 -15.80 0.99 4.71
N LEU B 35 -16.47 0.75 5.83
CA LEU B 35 -16.05 -0.27 6.82
C LEU B 35 -16.49 -1.60 6.27
N ALA B 36 -15.51 -2.52 6.17
CA ALA B 36 -15.77 -3.88 5.69
C ALA B 36 -15.93 -4.83 6.85
N ARG B 37 -14.82 -5.29 7.39
CA ARG B 37 -14.82 -6.31 8.48
C ARG B 37 -14.20 -5.76 9.76
N ARG B 38 -14.71 -6.20 10.89
CA ARG B 38 -14.21 -5.75 12.15
C ARG B 38 -13.95 -6.95 13.05
N TYR B 39 -12.76 -6.94 13.65
CA TYR B 39 -12.40 -7.93 14.64
C TYR B 39 -11.85 -7.23 15.91
N PRO B 40 -11.63 -8.01 16.99
CA PRO B 40 -11.11 -7.37 18.19
C PRO B 40 -9.78 -6.68 17.94
N ASP B 41 -8.96 -7.28 17.07
CA ASP B 41 -7.59 -6.85 16.86
C ASP B 41 -7.36 -6.06 15.57
N ARG B 42 -8.40 -5.85 14.75
CA ARG B 42 -8.21 -5.11 13.49
C ARG B 42 -9.53 -4.67 12.86
N ILE B 43 -9.50 -3.59 12.06
CA ILE B 43 -10.62 -3.26 11.18
C ILE B 43 -10.12 -3.25 9.75
N THR B 44 -10.97 -3.71 8.83
CA THR B 44 -10.62 -3.69 7.45
C THR B 44 -11.52 -2.70 6.71
N LEU B 45 -10.94 -2.05 5.71
CA LEU B 45 -11.60 -0.92 5.04
C LEU B 45 -11.51 -1.05 3.54
N ASP B 46 -12.56 -0.60 2.87
CA ASP B 46 -12.54 -0.33 1.47
C ASP B 46 -12.03 1.09 1.34
N PHE B 47 -10.75 1.17 1.00
CA PHE B 47 -9.97 2.41 0.96
C PHE B 47 -9.80 2.73 -0.54
N PHE B 48 -10.76 3.52 -1.07
CA PHE B 48 -10.80 3.91 -2.49
C PHE B 48 -10.74 2.72 -3.46
N GLY B 49 -11.28 1.58 -3.02
CA GLY B 49 -11.33 0.40 -3.87
C GLY B 49 -10.23 -0.61 -3.60
N ASP B 50 -9.20 -0.19 -2.87
CA ASP B 50 -8.16 -1.11 -2.34
C ASP B 50 -8.49 -1.42 -0.87
N GLN B 51 -7.71 -2.32 -0.26
CA GLN B 51 -7.96 -2.73 1.10
C GLN B 51 -6.93 -2.15 2.06
N LEU B 52 -7.40 -1.42 3.08
CA LEU B 52 -6.56 -0.95 4.16
C LEU B 52 -6.97 -1.71 5.42
N VAL B 53 -5.98 -2.28 6.13
CA VAL B 53 -6.24 -2.93 7.38
C VAL B 53 -5.46 -2.25 8.51
N CYS B 54 -6.21 -1.87 9.53
CA CYS B 54 -5.69 -1.16 10.66
C CYS B 54 -5.60 -2.16 11.78
N HIS B 55 -4.38 -2.46 12.19
CA HIS B 55 -4.10 -3.47 13.22
C HIS B 55 -3.89 -2.79 14.56
N LEU B 56 -4.65 -3.20 15.56
CA LEU B 56 -4.39 -2.79 16.93
C LEU B 56 -2.95 -3.01 17.28
N SER B 57 -2.24 -1.95 17.62
CA SER B 57 -0.82 -2.04 17.82
C SER B 57 -0.26 -0.92 18.67
N ASP B 58 0.81 -1.21 19.38
CA ASP B 58 1.57 -0.18 20.08
C ASP B 58 2.77 0.27 19.24
N ARG B 59 2.93 -0.29 18.05
CA ARG B 59 4.11 -0.05 17.24
C ARG B 59 3.91 1.02 16.16
N TRP B 60 3.08 2.00 16.48
CA TRP B 60 2.92 3.17 15.63
C TRP B 60 4.03 4.19 15.88
N ASP B 61 4.31 5.00 14.89
CA ASP B 61 5.41 5.96 14.95
C ASP B 61 5.06 7.12 15.88
N ARG B 62 5.88 7.30 16.91
CA ARG B 62 5.66 8.36 17.87
C ARG B 62 6.06 9.69 17.30
N GLU B 63 7.07 9.68 16.44
CA GLU B 63 7.41 10.87 15.71
C GLU B 63 7.46 10.49 14.23
N VAL B 64 7.08 11.42 13.39
CA VAL B 64 6.93 11.07 11.99
C VAL B 64 7.64 12.07 11.12
N SER B 65 8.17 11.56 10.01
CA SER B 65 8.66 12.42 8.94
C SER B 65 8.16 11.83 7.63
N MSE B 66 8.25 12.64 6.59
CA MSE B 66 7.66 12.29 5.31
C MSE B 66 8.13 10.93 4.78
O MSE B 66 7.33 10.18 4.22
CB MSE B 66 7.98 13.35 4.26
CG MSE B 66 7.46 13.03 2.89
SE MSE B 66 7.48 14.60 1.76
CE MSE B 66 6.27 15.76 2.79
N TYR B 67 9.43 10.68 4.91
CA TYR B 67 10.06 9.46 4.39
C TYR B 67 10.49 8.60 5.56
N PRO B 68 10.53 7.25 5.36
CA PRO B 68 10.39 6.48 4.13
C PRO B 68 9.04 5.76 3.96
N ARG B 69 8.05 6.07 4.81
CA ARG B 69 6.77 5.40 4.79
C ARG B 69 5.56 6.33 4.65
N HIS B 70 4.75 6.06 3.64
CA HIS B 70 3.48 6.70 3.46
C HIS B 70 2.77 5.94 2.35
N PHE B 71 1.46 6.17 2.23
CA PHE B 71 0.65 5.47 1.27
C PHE B 71 -0.50 6.36 0.79
N GLY B 72 -1.12 5.99 -0.30
CA GLY B 72 -2.38 6.55 -0.69
C GLY B 72 -2.71 6.26 -2.11
N ILE B 73 -3.42 7.19 -2.75
CA ILE B 73 -4.01 7.02 -4.07
C ILE B 73 -3.50 8.11 -5.01
N THR B 74 -3.15 7.71 -6.22
CA THR B 74 -2.86 8.60 -7.32
C THR B 74 -4.04 8.58 -8.26
N PHE B 75 -4.68 9.73 -8.42
CA PHE B 75 -5.89 9.83 -9.20
C PHE B 75 -5.61 10.25 -10.65
N ARG B 76 -6.19 9.55 -11.61
CA ARG B 76 -6.07 9.95 -13.00
C ARG B 76 -6.86 11.25 -13.27
N ASP B 77 -8.01 11.37 -12.61
CA ASP B 77 -8.96 12.48 -12.85
C ASP B 77 -8.71 13.48 -11.75
N LYS B 78 -8.31 14.68 -12.14
CA LYS B 78 -8.08 15.76 -11.19
C LYS B 78 -9.32 16.09 -10.32
N LYS B 79 -10.51 15.89 -10.84
CA LYS B 79 -11.71 16.16 -10.07
C LYS B 79 -11.74 15.28 -8.82
N HIS B 80 -11.29 14.03 -8.93
CA HIS B 80 -11.32 13.16 -7.76
C HIS B 80 -10.33 13.63 -6.71
N PHE B 81 -9.16 14.10 -7.17
CA PHE B 81 -8.16 14.66 -6.28
C PHE B 81 -8.71 15.93 -5.59
N ASP B 82 -9.29 16.82 -6.38
CA ASP B 82 -9.82 18.09 -5.84
C ASP B 82 -10.98 17.84 -4.86
N ASN B 83 -11.86 16.87 -5.18
CA ASN B 83 -12.95 16.53 -4.29
C ASN B 83 -12.40 16.04 -2.94
N LEU B 84 -11.35 15.22 -2.97
CA LEU B 84 -10.83 14.70 -1.72
C LEU B 84 -10.22 15.78 -0.88
N TYR B 85 -9.50 16.70 -1.52
CA TYR B 85 -8.95 17.82 -0.79
C TYR B 85 -10.06 18.61 -0.12
N LYS B 86 -11.11 18.89 -0.86
CA LYS B 86 -12.24 19.64 -0.30
C LYS B 86 -12.89 18.92 0.89
N LEU B 87 -13.07 17.59 0.75
CA LEU B 87 -13.64 16.81 1.79
C LEU B 87 -12.77 16.85 3.04
N ALA B 88 -11.46 16.71 2.87
CA ALA B 88 -10.56 16.70 4.03
C ALA B 88 -10.64 18.04 4.76
N LYS B 89 -10.66 19.14 4.00
CA LYS B 89 -10.76 20.46 4.64
C LYS B 89 -12.07 20.66 5.38
N GLN B 90 -13.19 20.28 4.75
CA GLN B 90 -14.48 20.44 5.39
C GLN B 90 -14.70 19.51 6.57
N ARG B 91 -14.11 18.32 6.56
CA ARG B 91 -14.37 17.37 7.62
C ARG B 91 -13.34 17.42 8.73
N GLY B 92 -12.46 18.40 8.70
CA GLY B 92 -11.54 18.60 9.81
C GLY B 92 -10.44 17.55 9.87
N ILE B 93 -10.03 17.04 8.73
CA ILE B 93 -9.00 16.02 8.70
C ILE B 93 -7.64 16.71 8.73
N PRO B 94 -6.74 16.31 9.62
CA PRO B 94 -5.45 17.01 9.67
C PRO B 94 -4.54 16.73 8.49
N PHE B 95 -3.88 17.77 8.01
CA PHE B 95 -2.92 17.71 6.91
C PHE B 95 -1.52 17.76 7.53
N TYR B 96 -0.69 16.77 7.24
CA TYR B 96 0.73 16.80 7.54
C TYR B 96 1.42 17.81 6.64
N HIS B 97 0.96 17.88 5.40
CA HIS B 97 1.50 18.84 4.43
C HIS B 97 0.38 19.24 3.53
N ASP B 98 0.16 20.55 3.38
CA ASP B 98 -0.95 21.01 2.60
C ASP B 98 -0.61 20.88 1.10
N LEU B 99 -1.56 21.23 0.26
CA LEU B 99 -1.40 21.20 -1.19
C LEU B 99 -0.05 21.80 -1.65
N SER B 100 0.71 20.99 -2.40
CA SER B 100 2.06 21.32 -2.86
C SER B 100 2.42 20.54 -4.13
N ARG B 101 3.30 21.10 -4.94
CA ARG B 101 3.89 20.43 -6.10
C ARG B 101 5.21 19.77 -5.74
N ARG B 102 5.45 18.60 -6.30
CA ARG B 102 6.73 17.91 -6.15
C ARG B 102 7.30 17.57 -7.52
N PHE B 103 8.63 17.48 -7.59
CA PHE B 103 9.36 17.33 -8.83
C PHE B 103 8.96 18.47 -9.79
N GLU B 104 8.90 19.69 -9.24
CA GLU B 104 8.52 20.86 -10.01
C GLU B 104 9.39 21.10 -11.24
N GLY B 105 8.72 21.45 -12.33
CA GLY B 105 9.35 21.65 -13.64
C GLY B 105 9.77 20.40 -14.39
N LEU B 106 9.71 19.23 -13.76
CA LEU B 106 9.97 17.97 -14.45
C LEU B 106 8.67 17.47 -15.14
N ILE B 107 8.85 16.63 -16.16
CA ILE B 107 7.70 15.99 -16.77
C ILE B 107 6.85 15.24 -15.73
N GLU B 108 7.53 14.62 -14.74
CA GLU B 108 6.89 13.89 -13.66
C GLU B 108 6.38 14.75 -12.49
N GLU B 109 6.26 16.08 -12.69
CA GLU B 109 5.67 16.92 -11.68
C GLU B 109 4.26 16.43 -11.30
N HIS B 110 3.98 16.49 -10.01
CA HIS B 110 2.68 16.09 -9.49
C HIS B 110 2.25 17.01 -8.37
N GLU B 111 0.94 17.19 -8.29
CA GLU B 111 0.35 17.85 -7.15
C GLU B 111 0.10 16.84 -6.04
N THR B 112 0.28 17.28 -4.80
CA THR B 112 0.25 16.41 -3.63
C THR B 112 -0.34 17.09 -2.40
N PHE B 113 -0.95 16.29 -1.54
CA PHE B 113 -1.20 16.66 -0.15
C PHE B 113 -1.06 15.43 0.73
N PHE B 114 -0.67 15.66 1.98
CA PHE B 114 -0.51 14.58 2.95
C PHE B 114 -1.49 14.77 4.08
N LEU B 115 -2.33 13.76 4.36
CA LEU B 115 -3.14 13.71 5.56
C LEU B 115 -2.36 12.83 6.55
N ILE B 116 -2.78 12.87 7.80
CA ILE B 116 -2.13 12.11 8.88
C ILE B 116 -3.17 11.57 9.83
N ASP B 117 -3.10 10.25 10.03
CA ASP B 117 -4.05 9.59 10.87
C ASP B 117 -3.65 9.66 12.37
N PRO B 118 -4.56 9.25 13.26
CA PRO B 118 -4.26 9.50 14.68
C PRO B 118 -3.03 8.75 15.21
N SER B 119 -2.66 7.67 14.53
CA SER B 119 -1.45 6.93 14.87
C SER B 119 -0.21 7.31 14.07
N ASN B 120 -0.26 8.52 13.48
CA ASN B 120 0.84 9.12 12.72
C ASN B 120 1.23 8.45 11.42
N ASN B 121 0.31 7.64 10.89
CA ASN B 121 0.47 7.16 9.53
C ASN B 121 0.19 8.29 8.55
N LEU B 122 1.04 8.41 7.55
CA LEU B 122 0.96 9.46 6.53
C LEU B 122 0.27 8.97 5.26
N LEU B 123 -0.75 9.69 4.81
CA LEU B 123 -1.48 9.40 3.61
C LEU B 123 -1.13 10.46 2.61
N GLU B 124 -0.64 10.08 1.46
CA GLU B 124 -0.31 11.03 0.40
C GLU B 124 -1.24 10.79 -0.76
N PHE B 125 -1.85 11.84 -1.29
CA PHE B 125 -2.66 11.76 -2.48
C PHE B 125 -1.98 12.58 -3.54
N LYS B 126 -1.97 12.07 -4.76
CA LYS B 126 -1.19 12.61 -5.88
C LYS B 126 -2.03 12.76 -7.14
N TYR B 127 -1.67 13.78 -7.94
CA TYR B 127 -2.14 13.93 -9.28
C TYR B 127 -0.98 14.29 -10.19
N TYR B 128 -0.73 13.49 -11.22
CA TYR B 128 0.37 13.74 -12.16
C TYR B 128 -0.14 14.48 -13.39
N PHE B 129 0.58 15.53 -13.79
CA PHE B 129 0.20 16.28 -14.99
C PHE B 129 0.38 15.53 -16.31
N ASP B 130 1.28 14.53 -16.32
CA ASP B 130 1.36 13.58 -17.42
C ASP B 130 1.02 12.22 -16.81
N ASP B 131 -0.11 11.67 -17.22
CA ASP B 131 -0.59 10.42 -16.65
C ASP B 131 0.35 9.25 -16.85
N ARG B 132 1.29 9.29 -17.79
CA ARG B 132 2.30 8.21 -17.92
C ARG B 132 3.29 8.20 -16.76
N MSE B 133 3.34 9.28 -15.99
CA MSE B 133 4.29 9.40 -14.89
C MSE B 133 3.76 8.86 -13.56
O MSE B 133 4.43 9.00 -12.51
CB MSE B 133 4.69 10.88 -14.74
CG MSE B 133 5.42 11.45 -15.91
SE MSE B 133 7.10 10.50 -16.33
CE MSE B 133 6.58 9.64 -17.99
N MSE B 134 2.57 8.25 -13.59
CA MSE B 134 1.99 7.69 -12.36
C MSE B 134 2.75 6.49 -11.76
O MSE B 134 2.52 6.16 -10.60
CB MSE B 134 0.52 7.29 -12.58
CG MSE B 134 -0.39 8.46 -12.90
SE MSE B 134 -2.11 7.89 -13.65
CE MSE B 134 -2.97 7.22 -12.05
N TYR B 135 3.63 5.87 -12.52
CA TYR B 135 4.61 4.93 -11.98
C TYR B 135 5.96 5.59 -11.92
C ACT C . 7.45 10.02 -7.50
O ACT C . 6.70 9.49 -6.65
OXT ACT C . 6.89 10.54 -8.50
CH3 ACT C . 8.94 10.00 -7.31
C ACT D . -8.12 -9.91 6.62
O ACT D . -8.73 -10.80 5.93
OXT ACT D . -7.22 -9.23 6.07
CH3 ACT D . -8.51 -9.67 8.05
#